data_3OYH
#
_entry.id   3OYH
#
_cell.length_a   159.030
_cell.length_b   159.030
_cell.length_c   123.730
_cell.angle_alpha   90.000
_cell.angle_beta   90.000
_cell.angle_gamma   90.000
#
_symmetry.space_group_name_H-M   'P 41 21 2'
#
loop_
_entity.id
_entity.type
_entity.pdbx_description
1 polymer 'PFV integrase'
2 polymer "DNA (5'-D(*AP*TP*TP*GP*TP*CP*AP*TP*GP*GP*AP*AP*TP*TP*TP*CP*GP*CP*A)-3')"
3 polymer "DNA (5'-D(*TP*GP*CP*GP*AP*AP*AP*TP*TP*CP*CP*AP*TP*GP*AP*CP*A)-3')"
4 non-polymer 'ZINC ION'
5 non-polymer 'SULFATE ION'
6 non-polymer GLYCEROL
7 non-polymer 'AMMONIUM ION'
8 non-polymer 'MAGNESIUM ION'
9 non-polymer 6-(3-chloro-4-fluorobenzyl)-4-hydroxy-N,N-dimethyl-2-(1-methylethyl)-3,5-dioxo-2,3,5,6,7,8-hexahydro-2,6-naphthyridine-1-carboxamide
10 water water
#
loop_
_entity_poly.entity_id
_entity_poly.type
_entity_poly.pdbx_seq_one_letter_code
_entity_poly.pdbx_strand_id
1 'polypeptide(L)'
;GPGCNTKKPNLDAELDQLLQGHYIKGYPKQYTYFLEDGKVKVSRPEGVKIIPPQSDRQKIVLQAHNLAHTGREATLLKIA
NLYWWPNMRKDVVKQLGRCQQCLITNASNKASGPILRPDRPQKPFDKFFIDYIGPLPPSQGYLYVLVVVDGMTGFTWLYP
TKAPSTSATVKSLNVLTSIAIPKVIHSDQGAAFTSSTFAEWAKERGIHLEFSTPYHPQSSGKVERKNSDIKRLLTKLLVG
RPTKWYDLLPVVQLALNNTYSPVLKYTPHQLLFGIDSNTPFANQDTLDLTREEELSLLQEIRTSLYHPSTPPASSRSWSP
VVGQLVQERVARPASLRPRWHKPSTVLKVLNPRTVVILDHLGNNRTVSIDNLKPTSHQNGTTNDTATMDHLEKNE
;
A,B
2 'polydeoxyribonucleotide' (DA)(DT)(DT)(DG)(DT)(DC)(DA)(DT)(DG)(DG)(DA)(DA)(DT)(DT)(DT)(DC)(DG)(DC)(DA) C
3 'polydeoxyribonucleotide' (DT)(DG)(DC)(DG)(DA)(DA)(DA)(DT)(DT)(DC)(DC)(DA)(DT)(DG)(DA)(DC)(DA) D
#
loop_
_chem_comp.id
_chem_comp.type
_chem_comp.name
_chem_comp.formula
DA DNA linking 2'-DEOXYADENOSINE-5'-MONOPHOSPHATE 'C10 H14 N5 O6 P'
DC DNA linking 2'-DEOXYCYTIDINE-5'-MONOPHOSPHATE 'C9 H14 N3 O7 P'
DG DNA linking 2'-DEOXYGUANOSINE-5'-MONOPHOSPHATE 'C10 H14 N5 O7 P'
DT DNA linking THYMIDINE-5'-MONOPHOSPHATE 'C10 H15 N2 O8 P'
GOL non-polymer GLYCEROL 'C3 H8 O3'
MG non-polymer 'MAGNESIUM ION' 'Mg 2'
NH4 non-polymer 'AMMONIUM ION' 'H4 N 1'
SO4 non-polymer 'SULFATE ION' 'O4 S -2'
ZN non-polymer 'ZINC ION' 'Zn 2'
ZYN non-polymer 6-(3-chloro-4-fluorobenzyl)-4-hydroxy-N,N-dimethyl-2-(1-methylethyl)-3,5-dioxo-2,3,5,6,7,8-hexahydro-2,6-naphthyridine-1-carboxamide 'C21 H23 Cl F N3 O4'
#
# COMPACT_ATOMS: atom_id res chain seq x y z
N LEU A 11 -18.12 -1.19 -59.49
CA LEU A 11 -17.22 -0.07 -59.95
C LEU A 11 -17.68 0.53 -61.29
N ASP A 12 -17.01 0.16 -62.39
CA ASP A 12 -17.37 0.61 -63.75
C ASP A 12 -18.64 -0.08 -64.27
N ALA A 13 -18.83 -1.32 -63.84
CA ALA A 13 -20.03 -2.09 -64.15
C ALA A 13 -21.28 -1.48 -63.49
N GLU A 14 -21.20 -1.30 -62.16
CA GLU A 14 -22.27 -0.70 -61.36
C GLU A 14 -22.73 0.64 -61.91
N LEU A 15 -21.78 1.52 -62.16
CA LEU A 15 -22.04 2.87 -62.63
C LEU A 15 -22.61 2.92 -64.04
N ASP A 16 -22.30 1.90 -64.85
CA ASP A 16 -22.84 1.79 -66.19
C ASP A 16 -24.35 1.58 -66.11
N GLN A 17 -24.78 0.46 -65.51
CA GLN A 17 -26.21 0.15 -65.32
C GLN A 17 -26.98 1.36 -64.85
N LEU A 18 -26.32 2.20 -64.06
CA LEU A 18 -26.94 3.36 -63.46
C LEU A 18 -27.19 4.46 -64.50
N LEU A 19 -26.17 4.76 -65.30
CA LEU A 19 -26.29 5.80 -66.31
C LEU A 19 -27.46 5.53 -67.28
N GLN A 20 -27.59 4.26 -67.70
CA GLN A 20 -28.66 3.84 -68.60
C GLN A 20 -30.01 3.67 -67.87
N GLY A 21 -30.16 4.35 -66.73
CA GLY A 21 -31.44 4.50 -66.03
C GLY A 21 -31.96 3.37 -65.15
N HIS A 22 -31.19 2.29 -64.99
CA HIS A 22 -31.59 1.18 -64.09
C HIS A 22 -31.40 1.54 -62.62
N TYR A 23 -32.07 0.78 -61.73
CA TYR A 23 -31.91 0.99 -60.30
C TYR A 23 -30.86 0.06 -59.68
N ILE A 24 -29.91 0.64 -58.94
CA ILE A 24 -28.92 -0.14 -58.16
C ILE A 24 -29.11 0.13 -56.67
N LYS A 25 -29.20 -0.92 -55.87
CA LYS A 25 -29.42 -0.79 -54.42
C LYS A 25 -28.42 0.19 -53.82
N GLY A 26 -28.94 1.20 -53.13
CA GLY A 26 -28.10 2.21 -52.50
C GLY A 26 -28.06 3.57 -53.17
N TYR A 27 -28.26 3.61 -54.49
CA TYR A 27 -28.34 4.87 -55.23
C TYR A 27 -29.81 5.19 -55.41
N PRO A 28 -30.32 6.19 -54.66
CA PRO A 28 -31.75 6.52 -54.65
C PRO A 28 -32.24 6.90 -56.05
N LYS A 29 -33.47 6.49 -56.39
CA LYS A 29 -33.95 6.57 -57.79
C LYS A 29 -34.29 7.98 -58.28
N GLN A 30 -34.71 8.84 -57.35
CA GLN A 30 -35.28 10.13 -57.68
C GLN A 30 -34.28 11.22 -58.13
N TYR A 31 -33.01 10.86 -58.27
CA TYR A 31 -32.00 11.84 -58.67
C TYR A 31 -31.46 11.49 -60.04
N THR A 32 -31.14 12.50 -60.84
CA THR A 32 -30.62 12.19 -62.18
C THR A 32 -29.10 12.02 -62.17
N TYR A 33 -28.67 10.84 -62.59
CA TYR A 33 -27.25 10.49 -62.69
C TYR A 33 -26.72 10.60 -64.13
N PHE A 34 -25.98 11.66 -64.43
CA PHE A 34 -25.46 11.80 -65.78
C PHE A 34 -23.97 11.54 -65.94
N LEU A 35 -23.43 11.88 -67.11
CA LEU A 35 -21.98 11.84 -67.43
C LEU A 35 -21.53 13.23 -67.87
N GLU A 36 -20.24 13.54 -67.68
CA GLU A 36 -19.67 14.88 -67.93
C GLU A 36 -18.18 14.83 -67.64
N ASP A 37 -17.38 15.44 -68.51
CA ASP A 37 -15.91 15.39 -68.39
C ASP A 37 -15.33 13.99 -68.15
N GLY A 38 -16.07 12.97 -68.60
CA GLY A 38 -15.62 11.58 -68.48
C GLY A 38 -15.84 10.96 -67.12
N LYS A 39 -16.81 11.49 -66.38
CA LYS A 39 -17.07 11.03 -65.01
C LYS A 39 -18.57 11.01 -64.68
N VAL A 40 -18.99 10.04 -63.86
CA VAL A 40 -20.39 9.92 -63.48
C VAL A 40 -20.77 10.96 -62.41
N LYS A 41 -21.76 11.80 -62.69
CA LYS A 41 -22.14 12.83 -61.72
C LYS A 41 -23.58 12.65 -61.26
N VAL A 42 -23.99 13.46 -60.29
CA VAL A 42 -25.36 13.43 -59.76
C VAL A 42 -25.75 14.77 -59.15
N SER A 43 -27.02 15.12 -59.34
CA SER A 43 -27.54 16.39 -58.86
C SER A 43 -28.23 16.22 -57.51
N ARG A 44 -27.47 16.40 -56.44
CA ARG A 44 -28.03 16.28 -55.10
C ARG A 44 -28.42 17.66 -54.61
N PRO A 45 -29.38 17.74 -53.66
CA PRO A 45 -29.75 19.04 -53.11
C PRO A 45 -28.54 19.95 -52.92
N GLU A 46 -27.52 19.50 -52.20
CA GLU A 46 -26.32 20.31 -51.93
C GLU A 46 -25.63 20.85 -53.19
N GLY A 47 -25.73 20.10 -54.29
CA GLY A 47 -25.09 20.46 -55.56
C GLY A 47 -24.78 19.23 -56.38
N VAL A 48 -23.82 19.37 -57.28
CA VAL A 48 -23.47 18.30 -58.21
C VAL A 48 -22.16 17.68 -57.74
N LYS A 49 -22.21 16.38 -57.43
CA LYS A 49 -21.04 15.69 -56.92
C LYS A 49 -20.69 14.54 -57.81
N ILE A 50 -19.40 14.28 -57.94
CA ILE A 50 -18.89 13.13 -58.67
C ILE A 50 -19.13 11.84 -57.88
N ILE A 51 -19.60 10.80 -58.56
CA ILE A 51 -19.74 9.49 -57.94
C ILE A 51 -18.58 8.66 -58.43
N PRO A 52 -17.54 8.52 -57.61
CA PRO A 52 -16.42 7.70 -58.05
C PRO A 52 -16.77 6.22 -58.06
N PRO A 53 -16.10 5.46 -58.94
CA PRO A 53 -16.19 3.99 -58.98
C PRO A 53 -15.67 3.37 -57.68
N GLN A 54 -16.43 2.42 -57.15
CA GLN A 54 -16.08 1.72 -55.89
C GLN A 54 -14.59 1.44 -55.75
N SER A 55 -13.93 1.12 -56.86
CA SER A 55 -12.50 0.78 -56.85
C SER A 55 -11.59 1.97 -56.56
N ASP A 56 -12.19 3.16 -56.46
CA ASP A 56 -11.45 4.40 -56.21
C ASP A 56 -11.71 4.96 -54.80
N ARG A 57 -12.78 4.46 -54.19
CA ARG A 57 -13.30 5.03 -52.98
C ARG A 57 -12.36 4.92 -51.77
N GLN A 58 -11.80 3.75 -51.55
CA GLN A 58 -10.82 3.61 -50.50
C GLN A 58 -9.72 4.68 -50.64
N LYS A 59 -9.18 4.86 -51.84
CA LYS A 59 -8.11 5.84 -52.09
C LYS A 59 -8.50 7.29 -51.77
N ILE A 60 -9.74 7.63 -52.11
CA ILE A 60 -10.31 8.94 -51.88
C ILE A 60 -10.44 9.18 -50.39
N VAL A 61 -11.07 8.25 -49.69
CA VAL A 61 -11.25 8.36 -48.24
C VAL A 61 -9.89 8.55 -47.56
N LEU A 62 -8.90 7.84 -48.06
CA LEU A 62 -7.60 7.90 -47.47
C LEU A 62 -6.91 9.23 -47.72
N GLN A 63 -7.07 9.77 -48.92
CA GLN A 63 -6.45 11.06 -49.24
C GLN A 63 -7.06 12.15 -48.37
N ALA A 64 -8.38 12.10 -48.22
CA ALA A 64 -9.08 13.06 -47.39
C ALA A 64 -8.55 12.95 -45.99
N HIS A 65 -8.64 11.75 -45.43
CA HIS A 65 -8.22 11.51 -44.05
C HIS A 65 -6.79 11.96 -43.82
N ASN A 66 -5.91 11.67 -44.75
CA ASN A 66 -4.50 11.95 -44.50
C ASN A 66 -4.08 13.41 -44.46
N LEU A 67 -4.95 14.31 -44.92
CA LEU A 67 -4.61 15.73 -44.99
C LEU A 67 -4.20 16.21 -43.61
N ALA A 68 -5.08 16.03 -42.63
CA ALA A 68 -4.74 16.31 -41.24
C ALA A 68 -5.03 15.14 -40.29
N HIS A 69 -5.16 13.93 -40.82
CA HIS A 69 -5.53 12.77 -40.01
C HIS A 69 -6.77 12.97 -39.18
N THR A 70 -7.82 13.46 -39.83
CA THR A 70 -9.09 13.82 -39.19
C THR A 70 -10.00 12.63 -38.88
N GLY A 71 -10.88 12.81 -37.89
CA GLY A 71 -11.86 11.80 -37.49
C GLY A 71 -13.03 11.77 -38.43
N ARG A 72 -14.15 11.20 -38.00
CA ARG A 72 -15.29 10.89 -38.89
C ARG A 72 -15.82 12.09 -39.68
N GLU A 73 -16.54 12.99 -39.01
CA GLU A 73 -17.11 14.19 -39.63
C GLU A 73 -16.14 15.09 -40.39
N ALA A 74 -14.98 15.39 -39.80
CA ALA A 74 -14.05 16.29 -40.47
C ALA A 74 -13.49 15.65 -41.73
N THR A 75 -13.36 14.33 -41.74
CA THR A 75 -13.02 13.61 -42.98
C THR A 75 -14.18 13.63 -43.97
N LEU A 76 -15.37 13.30 -43.51
CA LEU A 76 -16.50 13.32 -44.41
C LEU A 76 -16.67 14.67 -45.14
N LEU A 77 -16.60 15.76 -44.39
CA LEU A 77 -16.81 17.09 -44.96
C LEU A 77 -15.83 17.42 -46.08
N LYS A 78 -14.62 16.88 -46.02
CA LYS A 78 -13.69 17.08 -47.13
C LYS A 78 -14.19 16.34 -48.34
N ILE A 79 -14.49 15.05 -48.16
CA ILE A 79 -14.94 14.21 -49.25
C ILE A 79 -16.20 14.80 -49.88
N ALA A 80 -17.17 15.17 -49.04
CA ALA A 80 -18.48 15.64 -49.53
C ALA A 80 -18.34 16.84 -50.45
N ASN A 81 -17.24 17.57 -50.32
CA ASN A 81 -17.01 18.71 -51.20
C ASN A 81 -16.99 18.35 -52.68
N LEU A 82 -16.43 17.19 -53.00
CA LEU A 82 -16.32 16.74 -54.37
C LEU A 82 -17.18 15.53 -54.69
N TYR A 83 -17.38 14.63 -53.71
CA TYR A 83 -18.02 13.38 -54.06
C TYR A 83 -19.32 13.09 -53.37
N TRP A 84 -20.00 12.08 -53.89
CA TRP A 84 -21.07 11.42 -53.18
C TRP A 84 -21.09 9.96 -53.60
N TRP A 85 -21.40 9.08 -52.67
CA TRP A 85 -21.73 7.71 -52.97
C TRP A 85 -22.57 7.16 -51.82
N PRO A 86 -23.03 5.89 -51.90
CA PRO A 86 -23.89 5.41 -50.82
C PRO A 86 -23.07 5.10 -49.59
N ASN A 87 -23.54 5.58 -48.44
CA ASN A 87 -22.99 5.21 -47.14
C ASN A 87 -21.50 5.58 -47.05
N MET A 88 -21.22 6.87 -47.16
CA MET A 88 -19.86 7.35 -47.18
C MET A 88 -19.15 7.15 -45.85
N ARG A 89 -19.86 7.47 -44.77
CA ARG A 89 -19.26 7.37 -43.46
C ARG A 89 -18.83 5.95 -43.15
N LYS A 90 -19.50 4.95 -43.75
CA LYS A 90 -19.09 3.56 -43.52
C LYS A 90 -17.69 3.32 -44.04
N ASP A 91 -17.40 3.82 -45.23
CA ASP A 91 -16.06 3.72 -45.78
C ASP A 91 -15.06 4.59 -45.01
N VAL A 92 -15.50 5.74 -44.52
CA VAL A 92 -14.66 6.62 -43.72
C VAL A 92 -14.27 5.90 -42.41
N VAL A 93 -15.25 5.34 -41.73
CA VAL A 93 -15.00 4.66 -40.48
C VAL A 93 -14.09 3.46 -40.68
N LYS A 94 -14.31 2.72 -41.76
CA LYS A 94 -13.47 1.59 -42.11
C LYS A 94 -12.00 2.03 -42.06
N GLN A 95 -11.72 3.21 -42.61
CA GLN A 95 -10.36 3.71 -42.68
C GLN A 95 -9.78 4.16 -41.36
N LEU A 96 -10.60 4.85 -40.58
CA LEU A 96 -10.18 5.36 -39.27
C LEU A 96 -9.72 4.20 -38.41
N GLY A 97 -10.46 3.08 -38.51
CA GLY A 97 -10.13 1.84 -37.80
C GLY A 97 -8.82 1.22 -38.25
N ARG A 98 -8.36 1.55 -39.45
CA ARG A 98 -7.09 1.01 -39.96
C ARG A 98 -5.95 2.02 -39.92
N CYS A 99 -6.18 3.24 -39.45
CA CYS A 99 -5.08 4.19 -39.40
C CYS A 99 -4.24 3.96 -38.14
N GLN A 100 -3.11 3.27 -38.29
CA GLN A 100 -2.28 3.01 -37.13
C GLN A 100 -2.12 4.32 -36.37
N GLN A 101 -1.66 5.36 -37.07
CA GLN A 101 -1.27 6.63 -36.45
C GLN A 101 -2.40 7.28 -35.67
N CYS A 102 -3.59 7.28 -36.24
CA CYS A 102 -4.74 7.80 -35.51
C CYS A 102 -5.04 7.02 -34.26
N LEU A 103 -4.92 5.69 -34.32
CA LEU A 103 -5.33 4.84 -33.20
C LEU A 103 -4.37 4.92 -32.03
N ILE A 104 -3.10 5.13 -32.30
CA ILE A 104 -2.18 5.22 -31.21
C ILE A 104 -1.92 6.64 -30.75
N THR A 105 -2.38 7.63 -31.52
CA THR A 105 -2.17 9.03 -31.12
C THR A 105 -3.38 9.70 -30.51
N ASN A 106 -4.57 9.46 -31.03
CA ASN A 106 -5.77 10.11 -30.47
C ASN A 106 -6.04 9.78 -29.00
N ALA A 107 -6.67 10.72 -28.30
CA ALA A 107 -7.18 10.45 -26.97
C ALA A 107 -8.45 9.60 -27.04
N SER A 108 -8.86 9.07 -25.89
CA SER A 108 -10.11 8.33 -25.75
C SER A 108 -11.18 9.34 -25.54
N ASN A 109 -12.42 9.00 -25.79
CA ASN A 109 -13.46 9.87 -25.33
C ASN A 109 -14.50 9.08 -24.58
N LYS A 110 -14.06 7.96 -23.99
CA LYS A 110 -14.89 7.14 -23.11
C LYS A 110 -14.21 6.97 -21.76
N ALA A 111 -14.91 7.25 -20.67
CA ALA A 111 -14.28 7.15 -19.38
C ALA A 111 -14.39 5.73 -18.82
N SER A 112 -13.47 5.40 -17.91
CA SER A 112 -13.52 4.18 -17.12
C SER A 112 -14.83 3.98 -16.35
N GLY A 113 -15.17 2.72 -16.12
CA GLY A 113 -16.34 2.41 -15.31
C GLY A 113 -16.06 2.81 -13.88
N PRO A 114 -17.10 2.80 -13.04
CA PRO A 114 -16.95 3.28 -11.66
C PRO A 114 -15.98 2.44 -10.82
N ILE A 115 -15.17 3.14 -10.02
CA ILE A 115 -14.15 2.50 -9.16
C ILE A 115 -14.74 1.46 -8.18
N LEU A 116 -13.96 0.42 -7.89
CA LEU A 116 -14.35 -0.55 -6.87
C LEU A 116 -13.99 -0.05 -5.51
N ARG A 117 -14.79 -0.36 -4.51
CA ARG A 117 -14.38 -0.07 -3.16
C ARG A 117 -14.13 -1.38 -2.43
N PRO A 118 -12.92 -1.96 -2.54
CA PRO A 118 -12.60 -3.26 -1.94
C PRO A 118 -13.06 -3.35 -0.50
N ASP A 119 -13.42 -4.54 -0.02
CA ASP A 119 -13.77 -4.72 1.39
C ASP A 119 -12.56 -4.39 2.27
N ARG A 120 -12.82 -3.73 3.40
CA ARG A 120 -11.80 -3.45 4.40
C ARG A 120 -11.28 -4.79 4.89
N PRO A 121 -9.95 -4.95 4.92
CA PRO A 121 -9.33 -6.10 5.57
C PRO A 121 -10.02 -6.37 6.88
N GLN A 122 -10.22 -7.63 7.21
CA GLN A 122 -11.01 -7.96 8.39
C GLN A 122 -10.29 -7.78 9.71
N LYS A 123 -8.98 -8.00 9.72
CA LYS A 123 -8.23 -7.92 10.94
C LYS A 123 -7.01 -7.03 10.82
N PRO A 124 -6.56 -6.44 11.94
CA PRO A 124 -5.22 -5.88 11.94
C PRO A 124 -4.26 -6.93 11.47
N PHE A 125 -3.32 -6.53 10.64
CA PHE A 125 -2.25 -7.39 10.17
C PHE A 125 -2.65 -8.33 9.03
N ASP A 126 -3.94 -8.28 8.64
CA ASP A 126 -4.37 -9.03 7.46
C ASP A 126 -3.67 -8.51 6.24
N LYS A 127 -3.65 -7.18 6.09
CA LYS A 127 -3.02 -6.56 4.92
C LYS A 127 -2.28 -5.29 5.25
N PHE A 128 -1.00 -5.24 4.90
CA PHE A 128 -0.27 -3.97 4.91
C PHE A 128 -0.29 -3.34 3.53
N PHE A 129 -0.41 -2.01 3.50
CA PHE A 129 -0.09 -1.24 2.28
C PHE A 129 1.16 -0.45 2.55
N ILE A 130 2.13 -0.55 1.65
CA ILE A 130 3.39 0.17 1.82
C ILE A 130 3.76 0.98 0.59
N ASP A 131 4.54 2.05 0.79
CA ASP A 131 4.87 2.97 -0.29
C ASP A 131 5.94 3.89 0.20
N TYR A 132 6.66 4.50 -0.72
CA TYR A 132 7.64 5.50 -0.36
C TYR A 132 7.14 6.87 -0.70
N ILE A 133 7.60 7.83 0.10
CA ILE A 133 7.39 9.24 -0.10
C ILE A 133 8.78 9.84 -0.31
N GLY A 134 8.93 10.73 -1.29
CA GLY A 134 10.18 11.47 -1.51
C GLY A 134 10.65 11.47 -2.94
N PRO A 135 11.81 12.08 -3.22
CA PRO A 135 12.75 12.64 -2.24
C PRO A 135 12.24 13.91 -1.59
N LEU A 136 12.51 14.02 -0.30
CA LEU A 136 12.24 15.21 0.50
C LEU A 136 13.54 16.01 0.65
N PRO A 137 13.46 17.24 1.20
CA PRO A 137 14.69 17.94 1.46
C PRO A 137 15.56 17.15 2.43
N PRO A 138 16.87 17.01 2.14
CA PRO A 138 17.76 16.28 3.03
C PRO A 138 17.53 16.70 4.45
N SER A 139 17.32 15.70 5.30
CA SER A 139 17.25 15.86 6.73
C SER A 139 18.07 14.73 7.33
N GLN A 140 19.09 15.10 8.10
CA GLN A 140 20.05 14.14 8.68
C GLN A 140 20.56 13.09 7.70
N GLY A 141 20.63 13.46 6.43
CA GLY A 141 21.16 12.55 5.41
C GLY A 141 20.08 11.64 4.86
N TYR A 142 18.87 11.77 5.38
CA TYR A 142 17.73 11.00 4.90
C TYR A 142 16.95 11.80 3.87
N LEU A 143 16.38 11.11 2.89
CA LEU A 143 15.62 11.74 1.83
C LEU A 143 14.24 11.14 1.64
N TYR A 144 14.00 9.92 2.11
CA TYR A 144 12.69 9.31 1.89
C TYR A 144 11.99 8.85 3.19
N VAL A 145 10.72 8.47 3.08
CA VAL A 145 10.00 7.90 4.18
C VAL A 145 9.29 6.67 3.71
N LEU A 146 9.56 5.55 4.40
CA LEU A 146 8.77 4.33 4.19
C LEU A 146 7.50 4.42 4.99
N VAL A 147 6.38 4.28 4.32
CA VAL A 147 5.11 4.37 5.00
C VAL A 147 4.43 3.04 4.88
N VAL A 148 4.10 2.49 6.06
CA VAL A 148 3.40 1.23 6.19
C VAL A 148 2.08 1.50 6.88
N VAL A 149 0.98 1.12 6.22
CA VAL A 149 -0.33 1.40 6.74
C VAL A 149 -1.08 0.11 6.87
N ASP A 150 -1.51 -0.21 8.09
CA ASP A 150 -2.37 -1.36 8.27
C ASP A 150 -3.75 -1.14 7.64
N GLY A 151 -4.14 -2.03 6.74
CA GLY A 151 -5.40 -1.96 6.01
C GLY A 151 -6.63 -1.73 6.87
N MET A 152 -6.77 -2.52 7.93
CA MET A 152 -7.98 -2.54 8.70
C MET A 152 -8.08 -1.32 9.61
N THR A 153 -6.98 -1.04 10.30
CA THR A 153 -6.97 0.02 11.32
C THR A 153 -6.61 1.40 10.78
N GLY A 154 -5.75 1.45 9.77
CA GLY A 154 -5.19 2.69 9.34
C GLY A 154 -3.97 2.99 10.18
N PHE A 155 -3.67 2.13 11.13
CA PHE A 155 -2.50 2.39 11.94
C PHE A 155 -1.29 2.39 11.03
N THR A 156 -0.38 3.33 11.28
CA THR A 156 0.70 3.68 10.35
C THR A 156 2.07 3.72 11.01
N TRP A 157 3.06 3.19 10.33
CA TRP A 157 4.41 3.26 10.83
C TRP A 157 5.18 4.02 9.83
N LEU A 158 6.11 4.84 10.29
CA LEU A 158 6.95 5.63 9.42
C LEU A 158 8.42 5.35 9.64
N TYR A 159 9.18 5.19 8.57
CA TYR A 159 10.65 5.02 8.70
C TYR A 159 11.40 5.87 7.70
N PRO A 160 12.33 6.70 8.19
CA PRO A 160 13.12 7.55 7.27
C PRO A 160 14.12 6.68 6.53
N THR A 161 14.32 6.89 5.23
CA THR A 161 15.37 6.13 4.53
C THR A 161 16.26 7.04 3.66
N LYS A 162 17.38 6.50 3.18
CA LYS A 162 18.30 7.28 2.37
C LYS A 162 18.01 7.06 0.90
N ALA A 163 17.24 6.00 0.63
CA ALA A 163 16.80 5.65 -0.71
C ALA A 163 15.52 4.83 -0.64
N PRO A 164 14.74 4.80 -1.73
CA PRO A 164 13.61 3.88 -1.73
C PRO A 164 14.08 2.48 -2.15
N SER A 165 15.00 1.92 -1.38
CA SER A 165 15.67 0.65 -1.69
C SER A 165 15.09 -0.56 -0.96
N THR A 166 15.24 -1.72 -1.60
CA THR A 166 14.88 -2.97 -0.95
C THR A 166 15.61 -3.07 0.40
N SER A 167 16.92 -2.85 0.41
CA SER A 167 17.65 -3.01 1.64
C SER A 167 17.06 -2.16 2.79
N ALA A 168 16.61 -0.96 2.47
CA ALA A 168 16.08 -0.07 3.51
C ALA A 168 14.69 -0.52 3.85
N THR A 169 13.99 -1.07 2.86
CA THR A 169 12.66 -1.61 3.10
C THR A 169 12.79 -2.77 4.08
N VAL A 170 13.76 -3.65 3.80
CA VAL A 170 13.95 -4.83 4.64
C VAL A 170 14.33 -4.45 6.07
N LYS A 171 15.32 -3.57 6.23
CA LYS A 171 15.69 -3.12 7.56
C LYS A 171 14.47 -2.62 8.34
N SER A 172 13.67 -1.74 7.73
CA SER A 172 12.52 -1.14 8.41
C SER A 172 11.51 -2.20 8.81
N LEU A 173 11.23 -3.12 7.89
CA LEU A 173 10.18 -4.11 8.13
C LEU A 173 10.58 -5.21 9.10
N ASN A 174 11.88 -5.47 9.23
CA ASN A 174 12.32 -6.33 10.31
C ASN A 174 11.94 -5.69 11.63
N VAL A 175 12.20 -4.40 11.78
CA VAL A 175 11.83 -3.73 13.02
C VAL A 175 10.29 -3.76 13.22
N LEU A 176 9.52 -3.67 12.16
CA LEU A 176 8.11 -3.52 12.34
C LEU A 176 7.54 -4.84 12.70
N THR A 177 8.01 -5.87 12.00
CA THR A 177 7.45 -7.21 12.15
C THR A 177 7.94 -7.92 13.42
N SER A 178 8.79 -7.26 14.19
CA SER A 178 8.96 -7.62 15.59
C SER A 178 7.64 -7.61 16.32
N ILE A 179 6.71 -6.78 15.86
CA ILE A 179 5.45 -6.62 16.59
C ILE A 179 4.47 -7.70 16.16
N ALA A 180 4.33 -7.87 14.85
CA ALA A 180 3.44 -8.88 14.30
C ALA A 180 3.86 -9.09 12.87
N ILE A 181 3.34 -10.14 12.26
CA ILE A 181 3.66 -10.45 10.87
C ILE A 181 2.34 -10.37 10.15
N PRO A 182 2.32 -9.68 9.01
CA PRO A 182 1.07 -9.51 8.28
C PRO A 182 0.88 -10.68 7.34
N LYS A 183 -0.37 -11.04 7.03
CA LYS A 183 -0.60 -12.09 6.02
C LYS A 183 -0.07 -11.63 4.66
N VAL A 184 -0.42 -10.40 4.30
CA VAL A 184 -0.23 -9.85 2.96
C VAL A 184 0.31 -8.44 3.08
N ILE A 185 1.27 -8.11 2.20
CA ILE A 185 1.76 -6.77 2.02
C ILE A 185 1.46 -6.35 0.58
N HIS A 186 0.69 -5.25 0.45
CA HIS A 186 0.37 -4.70 -0.86
C HIS A 186 1.24 -3.53 -1.16
N SER A 187 1.80 -3.51 -2.35
CA SER A 187 2.57 -2.37 -2.78
C SER A 187 2.38 -2.13 -4.26
N ASP A 188 2.82 -0.95 -4.70
CA ASP A 188 2.97 -0.61 -6.11
C ASP A 188 4.23 -1.29 -6.67
N GLN A 189 4.54 -1.03 -7.94
CA GLN A 189 5.64 -1.73 -8.58
C GLN A 189 6.96 -0.99 -8.54
N GLY A 190 7.17 -0.23 -7.50
CA GLY A 190 8.48 0.39 -7.31
C GLY A 190 9.63 -0.61 -7.30
N ALA A 191 10.78 -0.18 -7.80
CA ALA A 191 11.97 -1.03 -7.82
C ALA A 191 12.16 -1.77 -6.48
N ALA A 192 12.03 -1.05 -5.37
CA ALA A 192 12.21 -1.64 -4.03
C ALA A 192 11.36 -2.86 -3.72
N PHE A 193 10.14 -2.91 -4.22
CA PHE A 193 9.22 -3.94 -3.79
C PHE A 193 9.15 -5.14 -4.72
N THR A 194 9.72 -4.97 -5.93
CA THR A 194 9.60 -5.98 -6.98
C THR A 194 10.89 -6.75 -7.13
N SER A 195 11.90 -6.41 -6.33
CA SER A 195 13.19 -7.09 -6.42
C SER A 195 13.07 -8.48 -5.84
N SER A 196 13.89 -9.40 -6.34
CA SER A 196 13.82 -10.78 -5.90
C SER A 196 14.27 -10.88 -4.44
N THR A 197 15.22 -10.03 -4.05
CA THR A 197 15.64 -9.98 -2.66
C THR A 197 14.42 -9.76 -1.76
N PHE A 198 13.54 -8.84 -2.18
CA PHE A 198 12.37 -8.55 -1.38
C PHE A 198 11.39 -9.73 -1.40
N ALA A 199 11.22 -10.38 -2.55
CA ALA A 199 10.35 -11.57 -2.64
C ALA A 199 10.78 -12.69 -1.67
N GLU A 200 12.11 -12.84 -1.54
CA GLU A 200 12.72 -13.83 -0.66
C GLU A 200 12.38 -13.47 0.75
N TRP A 201 12.61 -12.21 1.07
CA TRP A 201 12.44 -11.77 2.43
C TRP A 201 11.01 -12.10 2.84
N ALA A 202 10.07 -11.94 1.93
CA ALA A 202 8.67 -12.16 2.25
C ALA A 202 8.33 -13.64 2.45
N LYS A 203 8.86 -14.48 1.56
CA LYS A 203 8.62 -15.92 1.56
C LYS A 203 9.19 -16.55 2.83
N GLU A 204 10.45 -16.20 3.12
CA GLU A 204 11.06 -16.45 4.40
C GLU A 204 10.13 -16.27 5.58
N ARG A 205 9.10 -15.43 5.47
CA ARG A 205 8.26 -15.12 6.61
C ARG A 205 6.81 -15.51 6.39
N GLY A 206 6.54 -16.12 5.25
CA GLY A 206 5.19 -16.57 4.97
C GLY A 206 4.25 -15.43 4.66
N ILE A 207 4.82 -14.26 4.32
CA ILE A 207 4.05 -13.08 3.87
C ILE A 207 3.82 -13.14 2.37
N HIS A 208 2.56 -12.99 1.97
CA HIS A 208 2.22 -12.94 0.54
C HIS A 208 2.37 -11.51 -0.05
N LEU A 209 3.24 -11.33 -1.05
CA LEU A 209 3.37 -10.04 -1.77
C LEU A 209 2.28 -9.87 -2.82
N GLU A 210 1.58 -8.74 -2.72
CA GLU A 210 0.45 -8.41 -3.60
C GLU A 210 0.77 -7.09 -4.26
N PHE A 211 0.75 -7.06 -5.59
CA PHE A 211 1.15 -5.86 -6.32
C PHE A 211 0.01 -5.13 -7.04
N SER A 212 0.08 -3.81 -7.02
CA SER A 212 -0.83 -2.98 -7.81
C SER A 212 -0.57 -3.22 -9.28
N THR A 213 -1.61 -3.10 -10.10
CA THR A 213 -1.41 -2.98 -11.54
C THR A 213 -0.52 -1.79 -11.71
N PRO A 214 0.38 -1.80 -12.72
CA PRO A 214 1.42 -0.77 -12.75
C PRO A 214 0.86 0.59 -13.17
N TYR A 215 1.53 1.64 -12.71
CA TYR A 215 1.17 3.03 -12.99
C TYR A 215 -0.29 3.34 -12.65
N HIS A 216 -0.68 2.99 -11.42
CA HIS A 216 -2.06 3.16 -10.97
C HIS A 216 -2.11 3.20 -9.44
N PRO A 217 -1.61 4.31 -8.86
CA PRO A 217 -1.44 4.45 -7.43
C PRO A 217 -2.76 4.44 -6.65
N GLN A 218 -3.88 4.69 -7.31
CA GLN A 218 -5.15 4.56 -6.65
C GLN A 218 -5.25 3.18 -6.03
N SER A 219 -4.59 2.21 -6.68
CA SER A 219 -4.53 0.82 -6.21
C SER A 219 -3.85 0.71 -4.84
N SER A 220 -2.80 1.50 -4.57
CA SER A 220 -2.31 1.68 -3.20
C SER A 220 -2.99 2.83 -2.43
N GLY A 221 -4.21 3.18 -2.84
CA GLY A 221 -4.96 4.26 -2.20
C GLY A 221 -4.92 4.38 -0.68
N LYS A 222 -4.89 3.25 0.04
CA LYS A 222 -4.85 3.31 1.50
C LYS A 222 -3.60 4.00 1.96
N VAL A 223 -2.43 3.57 1.47
CA VAL A 223 -1.19 4.20 1.94
C VAL A 223 -1.04 5.57 1.25
N GLU A 224 -1.44 5.68 -0.02
CA GLU A 224 -1.25 6.93 -0.73
C GLU A 224 -1.91 8.03 0.05
N ARG A 225 -3.15 7.76 0.48
CA ARG A 225 -3.96 8.77 1.12
C ARG A 225 -3.35 9.16 2.43
N LYS A 226 -2.61 8.23 3.02
CA LYS A 226 -2.01 8.53 4.28
C LYS A 226 -0.80 9.43 4.06
N ASN A 227 -0.09 9.22 2.94
CA ASN A 227 1.01 10.12 2.54
C ASN A 227 0.56 11.58 2.56
N SER A 228 -0.59 11.86 1.94
CA SER A 228 -1.16 13.18 2.01
C SER A 228 -1.18 13.68 3.46
N ASP A 229 -1.77 12.95 4.39
CA ASP A 229 -1.82 13.48 5.75
C ASP A 229 -0.43 13.67 6.34
N ILE A 230 0.49 12.77 6.01
CA ILE A 230 1.82 12.84 6.55
C ILE A 230 2.49 14.13 6.05
N LYS A 231 2.38 14.40 4.75
CA LYS A 231 3.00 15.58 4.18
C LYS A 231 2.29 16.81 4.69
N ARG A 232 0.98 16.74 4.82
CA ARG A 232 0.21 17.91 5.25
C ARG A 232 0.64 18.33 6.67
N LEU A 233 0.70 17.39 7.61
CA LEU A 233 1.08 17.69 8.99
C LEU A 233 2.54 18.13 9.09
N LEU A 234 3.41 17.46 8.36
CA LEU A 234 4.80 17.85 8.31
C LEU A 234 4.91 19.29 7.83
N THR A 235 4.15 19.63 6.79
CA THR A 235 4.18 20.98 6.26
C THR A 235 3.80 21.97 7.35
N LYS A 236 2.66 21.77 8.00
CA LYS A 236 2.18 22.67 9.03
C LYS A 236 3.21 22.80 10.14
N LEU A 237 3.86 21.69 10.50
CA LEU A 237 4.76 21.74 11.62
C LEU A 237 6.05 22.43 11.25
N LEU A 238 6.30 22.56 9.96
CA LEU A 238 7.54 23.16 9.50
C LEU A 238 7.37 24.60 8.98
N VAL A 239 6.15 25.14 9.11
CA VAL A 239 5.85 26.49 8.68
C VAL A 239 6.80 27.45 9.38
N GLY A 240 7.39 28.35 8.60
CA GLY A 240 8.35 29.33 9.11
C GLY A 240 9.61 28.74 9.72
N ARG A 241 9.84 27.44 9.59
CA ARG A 241 11.13 26.85 10.02
C ARG A 241 11.78 26.15 8.84
N PRO A 242 13.11 25.91 8.95
CA PRO A 242 13.75 25.06 7.94
C PRO A 242 13.18 23.62 7.97
N THR A 243 12.97 23.05 6.78
CA THR A 243 12.37 21.75 6.63
C THR A 243 13.25 20.63 7.21
N LYS A 244 13.38 20.61 8.53
CA LYS A 244 14.09 19.55 9.25
C LYS A 244 13.07 18.50 9.73
N TRP A 245 12.61 17.64 8.82
CA TRP A 245 11.54 16.67 9.10
C TRP A 245 11.92 15.39 9.83
N TYR A 246 13.16 14.95 9.72
CA TYR A 246 13.58 13.68 10.32
C TYR A 246 13.17 13.52 11.78
N ASP A 247 13.28 14.60 12.53
CA ASP A 247 12.99 14.59 13.95
C ASP A 247 11.50 14.66 14.22
N LEU A 248 10.70 14.83 13.20
CA LEU A 248 9.28 14.98 13.45
C LEU A 248 8.51 13.71 13.10
N LEU A 249 9.14 12.83 12.30
CA LEU A 249 8.48 11.61 11.91
C LEU A 249 7.79 10.93 13.08
N PRO A 250 8.52 10.67 14.20
CA PRO A 250 7.89 10.04 15.37
C PRO A 250 6.67 10.80 15.85
N VAL A 251 6.78 12.11 15.96
CA VAL A 251 5.64 12.94 16.40
C VAL A 251 4.50 12.81 15.43
N VAL A 252 4.80 12.98 14.15
CA VAL A 252 3.77 12.86 13.15
C VAL A 252 3.06 11.51 13.26
N GLN A 253 3.84 10.43 13.28
CA GLN A 253 3.28 9.07 13.42
C GLN A 253 2.28 9.02 14.56
N LEU A 254 2.76 9.34 15.73
CA LEU A 254 1.95 9.26 16.92
C LEU A 254 0.71 10.12 16.75
N ALA A 255 0.88 11.30 16.16
CA ALA A 255 -0.23 12.27 16.06
C ALA A 255 -1.30 11.70 15.16
N LEU A 256 -0.89 11.20 14.00
CA LEU A 256 -1.84 10.63 13.04
C LEU A 256 -2.55 9.37 13.55
N ASN A 257 -1.80 8.49 14.20
CA ASN A 257 -2.36 7.23 14.70
C ASN A 257 -3.42 7.49 15.77
N ASN A 258 -3.35 8.68 16.38
CA ASN A 258 -4.29 9.04 17.42
C ASN A 258 -5.32 10.12 17.02
N THR A 259 -5.48 10.34 15.72
CA THR A 259 -6.40 11.32 15.15
C THR A 259 -7.69 10.66 14.73
N TYR A 260 -8.85 11.26 15.04
CA TYR A 260 -10.13 10.65 14.72
C TYR A 260 -10.46 10.72 13.24
N SER A 261 -11.01 9.67 12.68
CA SER A 261 -11.58 9.79 11.36
C SER A 261 -13.03 10.13 11.59
N PRO A 262 -13.45 11.33 11.13
CA PRO A 262 -14.81 11.74 11.41
C PRO A 262 -15.88 10.77 10.94
N VAL A 263 -15.63 9.99 9.89
CA VAL A 263 -16.67 9.06 9.42
C VAL A 263 -16.70 7.80 10.29
N LEU A 264 -15.55 7.34 10.76
CA LEU A 264 -15.54 6.14 11.58
C LEU A 264 -15.86 6.42 13.03
N LYS A 265 -15.49 7.60 13.52
CA LYS A 265 -15.55 7.92 14.96
C LYS A 265 -14.52 7.18 15.78
N TYR A 266 -13.41 6.82 15.16
CA TYR A 266 -12.36 6.10 15.84
C TYR A 266 -11.01 6.59 15.34
N THR A 267 -9.99 6.49 16.19
CA THR A 267 -8.64 6.73 15.74
C THR A 267 -8.06 5.40 15.35
N PRO A 268 -7.06 5.40 14.48
CA PRO A 268 -6.48 4.11 14.13
C PRO A 268 -5.95 3.37 15.35
N HIS A 269 -5.42 4.09 16.34
CA HIS A 269 -4.97 3.47 17.57
C HIS A 269 -6.11 2.68 18.22
N GLN A 270 -7.26 3.32 18.38
CA GLN A 270 -8.41 2.65 18.93
C GLN A 270 -8.82 1.38 18.16
N LEU A 271 -8.82 1.42 16.84
CA LEU A 271 -9.13 0.21 16.10
C LEU A 271 -8.04 -0.84 16.31
N LEU A 272 -6.81 -0.41 16.58
CA LEU A 272 -5.74 -1.40 16.71
C LEU A 272 -5.69 -2.05 18.09
N PHE A 273 -5.98 -1.27 19.13
CA PHE A 273 -5.79 -1.68 20.51
C PHE A 273 -7.09 -1.70 21.32
N GLY A 274 -8.12 -1.01 20.86
CA GLY A 274 -9.38 -0.99 21.60
C GLY A 274 -9.32 -0.13 22.85
N ILE A 275 -8.19 0.52 23.06
CA ILE A 275 -8.06 1.46 24.14
C ILE A 275 -6.93 2.48 23.89
N ASP A 276 -7.19 3.75 24.21
CA ASP A 276 -6.17 4.79 24.08
C ASP A 276 -5.02 4.52 25.00
N SER A 277 -3.82 4.94 24.61
CA SER A 277 -2.70 4.89 25.54
C SER A 277 -2.63 6.23 26.27
N ASN A 278 -1.52 6.50 26.93
CA ASN A 278 -1.40 7.73 27.70
C ASN A 278 -1.09 8.92 26.79
N THR A 279 -2.06 9.32 25.98
CA THR A 279 -1.85 10.46 25.09
C THR A 279 -2.90 11.48 25.43
N PRO A 280 -2.74 12.71 24.91
CA PRO A 280 -3.69 13.73 25.32
C PRO A 280 -5.12 13.43 24.88
N PHE A 281 -6.05 13.78 25.74
CA PHE A 281 -7.46 13.59 25.47
C PHE A 281 -7.88 12.14 25.31
N ALA A 282 -7.16 11.22 25.95
CA ALA A 282 -7.52 9.79 25.90
C ALA A 282 -8.98 9.54 26.23
N ASN A 283 -9.64 8.71 25.43
CA ASN A 283 -11.01 8.36 25.68
C ASN A 283 -11.08 7.40 26.86
N GLN A 284 -12.04 7.62 27.75
CA GLN A 284 -12.11 6.88 29.00
C GLN A 284 -13.32 5.97 29.09
N ASP A 285 -14.19 6.03 28.10
CA ASP A 285 -15.44 5.27 28.09
C ASP A 285 -15.33 3.81 28.55
N THR A 286 -14.25 3.09 28.27
CA THR A 286 -14.19 1.68 28.69
C THR A 286 -13.44 1.43 30.00
N LEU A 287 -13.48 2.43 30.86
CA LEU A 287 -12.70 2.41 32.07
C LEU A 287 -13.10 1.26 32.99
N ASP A 288 -14.40 0.94 32.99
CA ASP A 288 -14.96 -0.05 33.91
C ASP A 288 -15.14 -1.43 33.27
N LEU A 289 -14.82 -1.57 32.00
CA LEU A 289 -14.93 -2.87 31.36
C LEU A 289 -13.66 -3.58 31.66
N THR A 290 -13.70 -4.88 31.73
CA THR A 290 -12.50 -5.68 31.84
C THR A 290 -11.84 -5.64 30.47
N ARG A 291 -10.56 -5.96 30.39
CA ARG A 291 -9.95 -6.00 29.08
C ARG A 291 -10.81 -6.88 28.18
N GLU A 292 -11.24 -8.02 28.72
CA GLU A 292 -11.97 -8.99 27.92
C GLU A 292 -13.30 -8.40 27.44
N GLU A 293 -14.00 -7.69 28.31
CA GLU A 293 -15.19 -6.98 27.84
C GLU A 293 -14.84 -5.96 26.74
N GLU A 294 -13.70 -5.29 26.93
CA GLU A 294 -13.20 -4.33 25.97
C GLU A 294 -12.96 -4.94 24.59
N LEU A 295 -12.22 -6.05 24.54
CA LEU A 295 -11.85 -6.69 23.27
C LEU A 295 -13.07 -7.25 22.59
N SER A 296 -14.07 -7.54 23.39
CA SER A 296 -15.30 -8.08 22.90
C SER A 296 -15.99 -6.94 22.17
N LEU A 297 -16.00 -5.75 22.80
CA LEU A 297 -16.54 -4.55 22.19
C LEU A 297 -15.72 -4.08 20.98
N LEU A 298 -14.40 -4.19 21.06
CA LEU A 298 -13.57 -3.89 19.90
C LEU A 298 -13.96 -4.72 18.69
N GLN A 299 -14.18 -6.02 18.87
CA GLN A 299 -14.56 -6.92 17.77
C GLN A 299 -15.83 -6.46 17.11
N GLU A 300 -16.75 -5.94 17.91
CA GLU A 300 -18.02 -5.47 17.38
C GLU A 300 -17.85 -4.14 16.66
N ILE A 301 -17.00 -3.27 17.19
CA ILE A 301 -16.67 -2.01 16.51
C ILE A 301 -15.96 -2.26 15.19
N ARG A 302 -15.00 -3.19 15.17
CA ARG A 302 -14.28 -3.47 13.94
C ARG A 302 -15.22 -3.92 12.80
N THR A 303 -16.24 -4.70 13.11
CA THR A 303 -17.07 -5.25 12.04
C THR A 303 -18.13 -4.28 11.58
N SER A 304 -18.47 -3.32 12.42
CA SER A 304 -19.56 -2.46 12.10
C SER A 304 -19.12 -1.15 11.45
N LEU A 305 -17.89 -1.07 10.93
CA LEU A 305 -17.40 0.21 10.37
C LEU A 305 -18.06 0.54 9.05
N TYR A 306 -18.32 1.82 8.82
CA TYR A 306 -18.84 2.30 7.55
C TYR A 306 -18.02 1.78 6.37
N HIS A 307 -18.70 1.29 5.35
CA HIS A 307 -18.01 0.94 4.12
C HIS A 307 -18.66 1.54 2.92
N PRO A 308 -17.91 2.33 2.14
CA PRO A 308 -18.45 3.07 1.00
C PRO A 308 -18.89 2.16 -0.15
N SER A 309 -19.77 2.64 -1.01
CA SER A 309 -20.08 1.83 -2.18
C SER A 309 -19.63 2.41 -3.52
N THR A 310 -19.32 1.52 -4.45
CA THR A 310 -19.07 1.84 -5.84
C THR A 310 -20.05 2.96 -6.32
N PRO A 311 -19.50 4.08 -6.83
CA PRO A 311 -20.27 5.24 -7.26
C PRO A 311 -20.99 5.00 -8.59
N PRO A 312 -21.97 5.87 -8.93
CA PRO A 312 -22.59 5.61 -10.24
C PRO A 312 -21.59 5.81 -11.38
N ALA A 313 -21.71 4.96 -12.40
CA ALA A 313 -20.96 5.05 -13.66
C ALA A 313 -21.18 6.41 -14.31
N SER A 314 -20.15 6.99 -14.91
CA SER A 314 -20.36 8.22 -15.65
C SER A 314 -21.17 7.87 -16.91
N SER A 315 -21.92 8.83 -17.45
CA SER A 315 -22.88 8.52 -18.53
C SER A 315 -22.23 8.02 -19.84
N ARG A 316 -20.90 8.03 -19.90
CA ARG A 316 -20.20 7.53 -21.07
C ARG A 316 -18.96 6.72 -20.73
N SER A 317 -19.15 5.67 -19.94
CA SER A 317 -18.05 4.80 -19.50
C SER A 317 -18.00 3.56 -20.35
N TRP A 318 -16.90 2.84 -20.29
CA TRP A 318 -16.84 1.54 -20.92
C TRP A 318 -16.37 0.51 -19.91
N SER A 319 -16.83 -0.72 -20.09
CA SER A 319 -16.32 -1.82 -19.30
C SER A 319 -15.77 -2.89 -20.21
N PRO A 320 -14.61 -3.46 -19.83
CA PRO A 320 -13.92 -4.48 -20.60
C PRO A 320 -14.73 -5.77 -20.78
N VAL A 321 -14.56 -6.37 -21.95
CA VAL A 321 -15.26 -7.56 -22.37
C VAL A 321 -14.17 -8.46 -22.95
N VAL A 322 -14.25 -9.75 -22.65
CA VAL A 322 -13.22 -10.70 -23.10
C VAL A 322 -13.10 -10.67 -24.63
N GLY A 323 -11.85 -10.58 -25.10
CA GLY A 323 -11.56 -10.53 -26.54
C GLY A 323 -11.71 -9.18 -27.24
N GLN A 324 -12.02 -8.13 -26.48
CA GLN A 324 -12.08 -6.75 -26.95
C GLN A 324 -10.69 -6.23 -27.30
N LEU A 325 -10.63 -5.41 -28.34
CA LEU A 325 -9.41 -4.69 -28.70
C LEU A 325 -9.31 -3.43 -27.85
N VAL A 326 -8.20 -3.30 -27.12
CA VAL A 326 -8.00 -2.22 -26.19
C VAL A 326 -6.56 -1.77 -26.31
N GLN A 327 -6.25 -0.56 -25.85
CA GLN A 327 -4.87 -0.11 -25.92
C GLN A 327 -4.38 0.43 -24.59
N GLU A 328 -3.15 0.06 -24.27
CA GLU A 328 -2.55 0.41 -23.00
C GLU A 328 -1.83 1.73 -23.23
N ARG A 329 -1.95 2.62 -22.25
CA ARG A 329 -1.36 3.94 -22.29
C ARG A 329 0.16 3.81 -22.21
N VAL A 330 0.89 4.51 -23.06
CA VAL A 330 2.35 4.51 -22.93
C VAL A 330 2.71 5.19 -21.59
N ALA A 331 3.68 4.64 -20.89
CA ALA A 331 3.98 5.10 -19.54
C ALA A 331 4.70 6.46 -19.48
N ARG A 332 5.85 6.54 -20.15
CA ARG A 332 6.64 7.75 -20.15
C ARG A 332 6.84 8.17 -21.62
N PRO A 333 5.76 8.68 -22.25
CA PRO A 333 5.83 8.88 -23.71
C PRO A 333 6.76 10.02 -24.00
N ALA A 334 7.61 9.82 -24.99
CA ALA A 334 8.55 10.86 -25.40
C ALA A 334 7.85 12.01 -26.11
N SER A 335 8.53 13.15 -26.15
CA SER A 335 7.99 14.33 -26.80
C SER A 335 7.62 14.01 -28.25
N LEU A 336 6.39 14.32 -28.63
CA LEU A 336 5.92 14.13 -30.00
C LEU A 336 5.78 12.67 -30.41
N ARG A 337 5.57 11.79 -29.43
CA ARG A 337 5.39 10.36 -29.68
C ARG A 337 4.01 9.95 -29.18
N PRO A 338 3.43 8.88 -29.73
CA PRO A 338 2.09 8.47 -29.34
C PRO A 338 1.95 8.16 -27.86
N ARG A 339 0.77 8.47 -27.33
CA ARG A 339 0.42 8.29 -25.94
C ARG A 339 -0.15 6.87 -25.74
N TRP A 340 -0.37 6.13 -26.81
CA TRP A 340 -0.94 4.78 -26.69
C TRP A 340 -0.11 3.71 -27.38
N HIS A 341 -0.10 2.50 -26.82
CA HIS A 341 0.51 1.35 -27.50
C HIS A 341 -0.46 0.82 -28.56
N LYS A 342 0.02 -0.06 -29.44
CA LYS A 342 -0.81 -0.63 -30.51
C LYS A 342 -1.90 -1.43 -29.85
N PRO A 343 -2.95 -1.77 -30.61
CA PRO A 343 -4.04 -2.48 -29.99
C PRO A 343 -3.64 -3.86 -29.47
N SER A 344 -4.41 -4.37 -28.51
CA SER A 344 -4.13 -5.66 -27.90
C SER A 344 -5.43 -6.25 -27.38
N THR A 345 -5.41 -7.51 -26.95
CA THR A 345 -6.69 -8.18 -26.69
C THR A 345 -6.87 -8.52 -25.22
N VAL A 346 -8.08 -8.30 -24.73
CA VAL A 346 -8.49 -8.67 -23.38
C VAL A 346 -8.55 -10.19 -23.28
N LEU A 347 -7.57 -10.80 -22.60
CA LEU A 347 -7.60 -12.25 -22.31
C LEU A 347 -8.59 -12.54 -21.21
N LYS A 348 -8.39 -11.91 -20.06
CA LYS A 348 -9.30 -12.16 -18.94
C LYS A 348 -9.72 -10.86 -18.29
N VAL A 349 -10.99 -10.82 -17.88
CA VAL A 349 -11.57 -9.73 -17.07
C VAL A 349 -11.51 -10.13 -15.58
N LEU A 350 -10.40 -9.86 -14.92
CA LEU A 350 -10.26 -10.13 -13.48
C LEU A 350 -11.36 -9.55 -12.61
N ASN A 351 -11.66 -8.28 -12.78
CA ASN A 351 -12.91 -7.67 -12.24
C ASN A 351 -13.23 -6.54 -13.20
N PRO A 352 -14.33 -5.79 -12.97
CA PRO A 352 -14.71 -4.80 -13.96
C PRO A 352 -13.69 -3.66 -14.11
N ARG A 353 -12.63 -3.63 -13.30
CA ARG A 353 -11.67 -2.54 -13.34
C ARG A 353 -10.27 -3.05 -13.57
N THR A 354 -10.11 -4.37 -13.65
CA THR A 354 -8.79 -4.95 -13.86
C THR A 354 -8.85 -6.05 -14.89
N VAL A 355 -7.89 -6.04 -15.83
CA VAL A 355 -7.86 -7.00 -16.91
C VAL A 355 -6.48 -7.55 -17.22
N VAL A 356 -6.47 -8.72 -17.87
CA VAL A 356 -5.25 -9.29 -18.43
C VAL A 356 -5.37 -9.13 -19.92
N ILE A 357 -4.28 -8.68 -20.52
CA ILE A 357 -4.26 -8.43 -21.94
C ILE A 357 -3.07 -9.13 -22.55
N LEU A 358 -3.25 -9.54 -23.80
CA LEU A 358 -2.17 -10.08 -24.61
C LEU A 358 -1.71 -9.00 -25.56
N ASP A 359 -0.46 -8.57 -25.40
CA ASP A 359 -0.05 -7.32 -26.01
C ASP A 359 0.63 -7.35 -27.38
N HIS A 360 0.28 -8.30 -28.25
CA HIS A 360 0.88 -8.43 -29.63
C HIS A 360 2.38 -8.83 -29.66
N LEU A 361 3.07 -8.77 -28.52
CA LEU A 361 4.48 -9.20 -28.41
C LEU A 361 4.66 -10.73 -28.47
N GLY A 362 3.79 -11.50 -27.81
CA GLY A 362 2.72 -11.00 -26.97
C GLY A 362 2.91 -11.44 -25.52
N ASN A 363 2.87 -10.48 -24.60
CA ASN A 363 2.94 -10.82 -23.20
C ASN A 363 1.61 -10.67 -22.53
N ASN A 364 1.47 -11.39 -21.42
CA ASN A 364 0.35 -11.19 -20.52
C ASN A 364 0.73 -10.04 -19.61
N ARG A 365 -0.14 -9.04 -19.54
CA ARG A 365 0.05 -7.94 -18.61
C ARG A 365 -1.25 -7.78 -17.83
N THR A 366 -1.13 -7.64 -16.51
CA THR A 366 -2.30 -7.29 -15.69
C THR A 366 -2.31 -5.78 -15.48
N VAL A 367 -3.43 -5.17 -15.85
CA VAL A 367 -3.45 -3.79 -16.18
C VAL A 367 -4.74 -3.18 -15.68
N SER A 368 -4.64 -1.94 -15.17
CA SER A 368 -5.82 -1.20 -14.75
C SER A 368 -6.58 -0.69 -15.96
N ILE A 369 -7.89 -0.76 -15.89
CA ILE A 369 -8.77 -0.26 -16.94
C ILE A 369 -8.52 1.25 -17.21
N ASP A 370 -8.09 1.97 -16.18
CA ASP A 370 -7.71 3.39 -16.25
C ASP A 370 -6.55 3.59 -17.17
N ASN A 371 -5.68 2.60 -17.29
CA ASN A 371 -4.59 2.72 -18.22
C ASN A 371 -4.90 2.11 -19.57
N LEU A 372 -6.18 1.93 -19.84
CA LEU A 372 -6.62 1.46 -21.15
C LEU A 372 -7.62 2.38 -21.79
N LYS A 373 -7.62 2.41 -23.12
CA LYS A 373 -8.79 2.84 -23.89
C LYS A 373 -9.25 1.71 -24.83
N PRO A 374 -10.54 1.67 -25.12
CA PRO A 374 -11.01 0.72 -26.10
C PRO A 374 -10.71 1.20 -27.49
N THR A 375 -10.06 0.37 -28.30
CA THR A 375 -9.78 0.74 -29.69
C THR A 375 -11.05 1.15 -30.43
N SER A 376 -10.98 2.30 -31.09
CA SER A 376 -12.13 2.85 -31.82
C SER A 376 -12.46 2.17 -33.14
N HIS A 377 -13.73 2.24 -33.54
CA HIS A 377 -14.14 1.75 -34.86
C HIS A 377 -13.93 0.23 -35.01
N GLN A 378 -13.91 -0.48 -33.86
CA GLN A 378 -13.66 -1.95 -33.75
C GLN A 378 -12.37 -2.46 -34.42
N ASP B 119 -12.21 0.14 42.48
CA ASP B 119 -10.96 0.12 41.66
C ASP B 119 -11.16 -0.44 40.22
N ARG B 120 -10.61 0.27 39.24
CA ARG B 120 -10.77 -0.04 37.81
C ARG B 120 -9.87 -1.20 37.35
N PRO B 121 -10.37 -2.06 36.46
CA PRO B 121 -9.60 -3.22 35.95
C PRO B 121 -8.30 -2.87 35.22
N GLN B 122 -7.34 -3.77 35.29
CA GLN B 122 -6.04 -3.56 34.66
C GLN B 122 -6.13 -3.53 33.11
N LYS B 123 -5.35 -2.65 32.47
CA LYS B 123 -5.43 -2.43 31.03
C LYS B 123 -4.03 -2.35 30.41
N PRO B 124 -3.92 -2.56 29.07
CA PRO B 124 -2.63 -2.36 28.42
C PRO B 124 -2.28 -0.90 28.57
N PHE B 125 -0.99 -0.60 28.62
CA PHE B 125 -0.53 0.79 28.68
C PHE B 125 -0.64 1.41 30.05
N ASP B 126 -1.14 0.65 31.03
CA ASP B 126 -1.20 1.11 32.42
C ASP B 126 0.20 1.14 33.03
N LYS B 127 1.05 0.22 32.63
CA LYS B 127 2.35 0.09 33.26
C LYS B 127 3.33 -0.63 32.34
N PHE B 128 4.44 0.02 32.04
CA PHE B 128 5.54 -0.63 31.32
C PHE B 128 6.63 -0.97 32.32
N PHE B 129 7.12 -2.19 32.27
CA PHE B 129 8.18 -2.57 33.15
C PHE B 129 9.41 -2.59 32.27
N ILE B 130 10.39 -1.80 32.64
CA ILE B 130 11.59 -1.69 31.83
C ILE B 130 12.80 -2.17 32.61
N ASP B 131 13.75 -2.76 31.90
CA ASP B 131 14.96 -3.18 32.54
C ASP B 131 16.00 -3.46 31.48
N TYR B 132 17.28 -3.40 31.84
CA TYR B 132 18.35 -3.74 30.91
C TYR B 132 18.81 -5.17 31.09
N ILE B 133 19.44 -5.71 30.07
CA ILE B 133 20.05 -7.03 30.14
C ILE B 133 21.36 -6.91 29.39
N GLY B 134 22.46 -7.25 30.06
CA GLY B 134 23.78 -7.15 29.47
C GLY B 134 24.82 -6.86 30.52
N PRO B 135 26.10 -6.72 30.10
CA PRO B 135 26.50 -6.68 28.70
C PRO B 135 26.37 -8.05 28.07
N LEU B 136 26.24 -8.08 26.75
CA LEU B 136 26.27 -9.32 26.01
C LEU B 136 27.46 -9.23 25.04
N PRO B 137 27.76 -10.33 24.35
CA PRO B 137 28.84 -10.19 23.37
C PRO B 137 28.39 -9.24 22.28
N PRO B 138 29.33 -8.42 21.75
CA PRO B 138 29.14 -7.56 20.61
C PRO B 138 28.29 -8.20 19.51
N SER B 139 27.19 -7.54 19.16
CA SER B 139 26.42 -7.88 17.96
C SER B 139 26.08 -6.63 17.17
N GLN B 140 26.65 -6.50 15.98
CA GLN B 140 26.49 -5.30 15.16
C GLN B 140 26.78 -4.07 16.01
N GLY B 141 27.77 -4.19 16.90
CA GLY B 141 28.16 -3.09 17.77
C GLY B 141 27.24 -2.85 18.96
N TYR B 142 26.25 -3.72 19.16
CA TYR B 142 25.36 -3.58 20.31
C TYR B 142 25.74 -4.50 21.45
N LEU B 143 25.40 -4.08 22.68
CA LEU B 143 25.84 -4.78 23.89
C LEU B 143 24.73 -5.09 24.89
N TYR B 144 23.63 -4.34 24.86
CA TYR B 144 22.58 -4.52 25.84
C TYR B 144 21.21 -4.65 25.19
N VAL B 145 20.22 -5.06 25.97
CA VAL B 145 18.87 -5.08 25.48
C VAL B 145 18.07 -4.36 26.52
N LEU B 146 17.36 -3.31 26.11
CA LEU B 146 16.38 -2.71 26.99
C LEU B 146 15.13 -3.55 26.81
N VAL B 147 14.51 -3.92 27.92
CA VAL B 147 13.36 -4.81 27.88
C VAL B 147 12.16 -4.10 28.43
N VAL B 148 11.10 -4.10 27.62
CA VAL B 148 9.88 -3.45 28.05
C VAL B 148 8.82 -4.50 27.99
N VAL B 149 8.08 -4.60 29.09
CA VAL B 149 7.00 -5.54 29.18
C VAL B 149 5.79 -4.78 29.66
N ASP B 150 4.71 -4.93 28.89
CA ASP B 150 3.48 -4.33 29.31
C ASP B 150 2.90 -5.19 30.44
N GLY B 151 2.57 -4.54 31.55
CA GLY B 151 2.10 -5.19 32.77
C GLY B 151 0.86 -6.03 32.58
N MET B 152 -0.19 -5.42 32.04
CA MET B 152 -1.44 -6.12 31.84
C MET B 152 -1.30 -7.26 30.83
N THR B 153 -0.71 -7.00 29.67
CA THR B 153 -0.77 -7.97 28.57
C THR B 153 0.40 -8.92 28.58
N GLY B 154 1.50 -8.52 29.22
CA GLY B 154 2.73 -9.30 29.13
C GLY B 154 3.42 -9.17 27.78
N PHE B 155 2.94 -8.21 26.97
CA PHE B 155 3.56 -7.95 25.66
C PHE B 155 5.00 -7.46 25.87
N THR B 156 5.90 -7.88 24.99
CA THR B 156 7.30 -7.54 25.17
C THR B 156 7.85 -6.82 23.97
N TRP B 157 8.55 -5.72 24.27
CA TRP B 157 9.34 -5.02 23.30
C TRP B 157 10.79 -5.08 23.72
N LEU B 158 11.66 -5.37 22.76
CA LEU B 158 13.11 -5.35 22.98
C LEU B 158 13.88 -4.31 22.14
N TYR B 159 14.72 -3.49 22.77
CA TYR B 159 15.56 -2.56 22.00
C TYR B 159 17.02 -2.76 22.34
N PRO B 160 17.85 -3.00 21.30
CA PRO B 160 19.29 -3.14 21.48
C PRO B 160 19.91 -1.77 21.75
N THR B 161 20.77 -1.66 22.75
CA THR B 161 21.51 -0.43 22.98
C THR B 161 23.02 -0.69 23.05
N LYS B 162 23.82 0.37 23.05
CA LYS B 162 25.27 0.23 23.17
C LYS B 162 25.71 0.46 24.61
N ALA B 163 24.76 0.89 25.44
CA ALA B 163 25.07 1.19 26.84
C ALA B 163 23.79 1.24 27.66
N PRO B 164 23.91 1.02 28.98
CA PRO B 164 22.72 1.14 29.82
C PRO B 164 22.59 2.57 30.33
N SER B 165 22.58 3.53 29.41
CA SER B 165 22.62 4.97 29.76
C SER B 165 21.26 5.59 29.62
N THR B 166 21.08 6.76 30.24
CA THR B 166 19.85 7.50 30.09
C THR B 166 19.60 7.80 28.63
N SER B 167 20.67 8.21 27.95
CA SER B 167 20.59 8.55 26.55
C SER B 167 20.08 7.37 25.71
N ALA B 168 20.69 6.20 25.82
CA ALA B 168 20.27 5.03 25.04
C ALA B 168 18.85 4.60 25.40
N THR B 169 18.45 4.87 26.63
CA THR B 169 17.12 4.55 27.10
C THR B 169 16.13 5.48 26.43
N VAL B 170 16.42 6.79 26.48
CA VAL B 170 15.55 7.79 25.86
C VAL B 170 15.43 7.54 24.35
N LYS B 171 16.57 7.28 23.73
CA LYS B 171 16.57 7.05 22.31
C LYS B 171 15.63 5.88 21.98
N SER B 172 15.75 4.79 22.75
CA SER B 172 14.95 3.60 22.52
C SER B 172 13.51 3.78 22.91
N LEU B 173 13.25 4.39 24.06
CA LEU B 173 11.87 4.60 24.46
C LEU B 173 11.12 5.56 23.53
N ASN B 174 11.88 6.41 22.82
CA ASN B 174 11.28 7.35 21.87
C ASN B 174 10.69 6.61 20.71
N VAL B 175 11.30 5.48 20.33
CA VAL B 175 10.71 4.63 19.32
C VAL B 175 9.41 4.04 19.87
N LEU B 176 9.46 3.42 21.03
CA LEU B 176 8.27 2.76 21.54
C LEU B 176 7.15 3.76 21.83
N THR B 177 7.53 4.94 22.30
CA THR B 177 6.51 5.81 22.82
C THR B 177 5.94 6.62 21.71
N SER B 178 6.43 6.34 20.50
CA SER B 178 5.84 6.94 19.32
C SER B 178 4.81 5.97 18.76
N ILE B 179 4.65 4.84 19.44
CA ILE B 179 3.61 3.87 19.11
C ILE B 179 2.53 3.90 20.19
N ALA B 180 2.94 3.92 21.45
CA ALA B 180 1.99 3.91 22.57
C ALA B 180 2.69 4.44 23.80
N ILE B 181 1.97 5.19 24.62
CA ILE B 181 2.59 5.78 25.80
C ILE B 181 2.03 5.18 27.09
N PRO B 182 2.91 4.64 27.96
CA PRO B 182 2.45 4.09 29.23
C PRO B 182 2.13 5.22 30.18
N LYS B 183 1.12 5.04 31.04
CA LYS B 183 0.90 5.95 32.16
C LYS B 183 2.06 5.90 33.16
N VAL B 184 2.58 4.70 33.39
CA VAL B 184 3.60 4.50 34.40
C VAL B 184 4.68 3.64 33.81
N ILE B 185 5.91 4.04 34.06
CA ILE B 185 7.04 3.14 33.85
C ILE B 185 7.53 2.70 35.23
N HIS B 186 7.58 1.39 35.43
CA HIS B 186 8.23 0.85 36.61
C HIS B 186 9.63 0.36 36.26
N SER B 187 10.59 0.61 37.15
CA SER B 187 11.94 0.04 37.00
C SER B 187 12.61 -0.09 38.37
N ASP B 188 13.75 -0.81 38.36
CA ASP B 188 14.66 -0.77 39.50
C ASP B 188 15.39 0.57 39.53
N GLN B 189 16.34 0.74 40.45
CA GLN B 189 16.99 2.05 40.61
C GLN B 189 18.28 2.13 39.83
N GLY B 190 18.29 1.49 38.67
CA GLY B 190 19.38 1.63 37.72
C GLY B 190 19.73 3.09 37.50
N ALA B 191 21.00 3.36 37.20
CA ALA B 191 21.50 4.72 37.04
C ALA B 191 20.69 5.44 35.96
N ALA B 192 20.59 4.78 34.80
CA ALA B 192 19.90 5.32 33.64
C ALA B 192 18.47 5.74 33.92
N PHE B 193 17.81 5.12 34.91
CA PHE B 193 16.39 5.37 35.15
C PHE B 193 16.17 6.38 36.25
N THR B 194 17.19 6.58 37.07
CA THR B 194 17.06 7.50 38.20
C THR B 194 17.63 8.88 37.90
N SER B 195 18.32 9.02 36.77
CA SER B 195 18.87 10.30 36.30
C SER B 195 17.76 11.33 36.17
N SER B 196 18.14 12.60 36.31
CA SER B 196 17.13 13.66 36.19
C SER B 196 16.76 13.96 34.71
N THR B 197 17.68 13.71 33.79
CA THR B 197 17.34 13.69 32.38
C THR B 197 16.17 12.74 32.13
N PHE B 198 16.28 11.49 32.57
CA PHE B 198 15.20 10.54 32.36
C PHE B 198 13.93 11.01 33.05
N ALA B 199 14.06 11.65 34.20
CA ALA B 199 12.86 12.14 34.87
C ALA B 199 12.23 13.29 34.07
N GLU B 200 13.07 14.18 33.52
CA GLU B 200 12.59 15.28 32.70
C GLU B 200 11.84 14.69 31.49
N TRP B 201 12.47 13.70 30.82
CA TRP B 201 11.88 13.04 29.67
C TRP B 201 10.49 12.51 29.95
N ALA B 202 10.34 11.86 31.09
CA ALA B 202 9.08 11.24 31.42
C ALA B 202 8.05 12.30 31.70
N LYS B 203 8.47 13.36 32.37
CA LYS B 203 7.56 14.43 32.76
C LYS B 203 6.97 15.11 31.53
N GLU B 204 7.82 15.33 30.52
CA GLU B 204 7.40 15.92 29.26
C GLU B 204 6.22 15.11 28.71
N ARG B 205 6.34 13.79 28.79
CA ARG B 205 5.31 12.95 28.21
C ARG B 205 4.18 12.60 29.16
N GLY B 206 4.20 13.19 30.37
CA GLY B 206 3.18 12.90 31.39
C GLY B 206 3.15 11.46 31.87
N ILE B 207 4.33 10.80 31.82
CA ILE B 207 4.54 9.44 32.35
C ILE B 207 5.03 9.47 33.80
N HIS B 208 4.29 8.87 34.72
CA HIS B 208 4.76 8.72 36.08
C HIS B 208 5.85 7.65 36.18
N LEU B 209 6.96 7.99 36.84
CA LEU B 209 8.04 7.04 37.10
C LEU B 209 7.88 6.33 38.45
N GLU B 210 8.17 5.02 38.43
CA GLU B 210 7.97 4.15 39.60
C GLU B 210 9.14 3.20 39.83
N PHE B 211 9.68 3.29 41.04
CA PHE B 211 10.89 2.58 41.43
C PHE B 211 10.65 1.52 42.49
N SER B 212 11.19 0.34 42.24
CA SER B 212 11.31 -0.67 43.27
C SER B 212 12.44 -0.25 44.20
N THR B 213 12.26 -0.47 45.51
CA THR B 213 13.32 -0.16 46.49
C THR B 213 14.62 -0.93 46.20
N PRO B 214 15.78 -0.30 46.49
CA PRO B 214 17.05 -0.93 46.09
C PRO B 214 17.21 -2.33 46.65
N TYR B 215 17.82 -3.21 45.86
CA TYR B 215 18.08 -4.60 46.24
C TYR B 215 16.84 -5.50 46.33
N HIS B 216 15.66 -4.90 46.46
CA HIS B 216 14.41 -5.66 46.51
C HIS B 216 13.47 -5.40 45.28
N PRO B 217 13.78 -6.01 44.11
CA PRO B 217 12.95 -5.76 42.92
C PRO B 217 11.56 -6.40 43.02
N GLN B 218 10.50 -5.60 42.96
CA GLN B 218 9.15 -6.15 42.83
C GLN B 218 8.54 -5.74 41.49
N SER B 219 7.92 -6.70 40.81
CA SER B 219 7.22 -6.47 39.56
C SER B 219 5.77 -6.91 39.74
N SER B 220 5.46 -8.04 39.10
CA SER B 220 4.23 -8.78 39.27
C SER B 220 4.65 -10.19 38.90
N GLY B 221 3.84 -11.18 39.28
CA GLY B 221 4.12 -12.56 38.92
C GLY B 221 4.27 -12.70 37.41
N LYS B 222 3.25 -12.26 36.70
CA LYS B 222 3.18 -12.32 35.23
C LYS B 222 4.47 -11.77 34.60
N VAL B 223 4.87 -10.60 35.09
CA VAL B 223 6.05 -9.91 34.59
C VAL B 223 7.33 -10.66 34.94
N GLU B 224 7.48 -11.07 36.21
CA GLU B 224 8.68 -11.79 36.68
C GLU B 224 8.93 -13.02 35.81
N ARG B 225 7.87 -13.81 35.62
CA ARG B 225 7.91 -14.97 34.75
C ARG B 225 8.30 -14.59 33.33
N LYS B 226 7.63 -13.58 32.78
CA LYS B 226 8.01 -13.06 31.47
C LYS B 226 9.50 -12.78 31.37
N ASN B 227 10.02 -12.00 32.32
CA ASN B 227 11.44 -11.59 32.33
C ASN B 227 12.37 -12.78 32.43
N SER B 228 11.90 -13.79 33.15
CA SER B 228 12.58 -15.07 33.24
C SER B 228 12.66 -15.72 31.86
N ASP B 229 11.52 -15.89 31.20
CA ASP B 229 11.48 -16.47 29.86
C ASP B 229 12.45 -15.75 28.94
N ILE B 230 12.48 -14.41 29.02
CA ILE B 230 13.33 -13.59 28.16
C ILE B 230 14.80 -13.96 28.32
N LYS B 231 15.31 -13.89 29.55
CA LYS B 231 16.70 -14.31 29.84
C LYS B 231 16.99 -15.73 29.32
N ARG B 232 16.16 -16.69 29.70
CA ARG B 232 16.39 -18.06 29.31
C ARG B 232 16.36 -18.21 27.80
N LEU B 233 15.41 -17.53 27.15
CA LEU B 233 15.26 -17.64 25.70
C LEU B 233 16.45 -17.03 24.99
N LEU B 234 16.90 -15.88 25.47
CA LEU B 234 18.11 -15.27 24.96
C LEU B 234 19.27 -16.24 25.06
N THR B 235 19.57 -16.67 26.30
CA THR B 235 20.70 -17.55 26.62
C THR B 235 20.77 -18.72 25.68
N LYS B 236 19.60 -19.32 25.43
CA LYS B 236 19.47 -20.46 24.54
C LYS B 236 19.95 -20.14 23.13
N LEU B 237 19.61 -18.95 22.62
CA LEU B 237 19.91 -18.65 21.22
C LEU B 237 21.29 -18.00 21.02
N LEU B 238 21.75 -17.26 22.02
CA LEU B 238 23.10 -16.71 21.98
C LEU B 238 24.20 -17.77 22.09
N VAL B 239 23.89 -18.96 22.60
CA VAL B 239 24.88 -20.07 22.52
C VAL B 239 24.86 -20.68 21.11
N GLY B 240 26.05 -20.98 20.60
CA GLY B 240 26.21 -21.38 19.19
C GLY B 240 26.49 -20.16 18.32
N ARG B 241 25.71 -19.09 18.52
CA ARG B 241 25.88 -17.82 17.81
C ARG B 241 25.81 -16.61 18.74
N PRO B 242 26.86 -16.41 19.59
CA PRO B 242 26.79 -15.40 20.66
C PRO B 242 26.89 -13.96 20.14
N THR B 243 26.97 -13.84 18.82
CA THR B 243 27.37 -12.64 18.14
C THR B 243 26.34 -12.25 17.06
N LYS B 244 25.35 -13.13 16.86
CA LYS B 244 24.30 -12.90 15.87
C LYS B 244 22.95 -12.52 16.50
N TRP B 245 22.94 -12.19 17.80
CA TRP B 245 21.66 -11.96 18.51
C TRP B 245 20.85 -10.76 18.03
N TYR B 246 21.55 -9.70 17.64
CA TYR B 246 20.90 -8.54 17.07
C TYR B 246 19.84 -8.93 16.02
N ASP B 247 20.20 -9.82 15.10
CA ASP B 247 19.29 -10.23 14.03
C ASP B 247 18.08 -11.01 14.53
N LEU B 248 18.23 -11.62 15.71
CA LEU B 248 17.21 -12.52 16.21
C LEU B 248 16.20 -11.87 17.13
N LEU B 249 16.51 -10.66 17.60
CA LEU B 249 15.59 -9.94 18.44
C LEU B 249 14.14 -9.91 17.88
N PRO B 250 13.97 -9.64 16.57
CA PRO B 250 12.58 -9.70 16.11
C PRO B 250 11.93 -11.06 16.41
N VAL B 251 12.62 -12.16 16.12
CA VAL B 251 11.94 -13.45 16.27
C VAL B 251 11.81 -13.85 17.74
N VAL B 252 12.79 -13.47 18.55
CA VAL B 252 12.67 -13.61 19.99
C VAL B 252 11.38 -12.98 20.51
N GLN B 253 11.02 -11.81 20.00
CA GLN B 253 9.83 -11.11 20.46
C GLN B 253 8.56 -11.78 20.00
N LEU B 254 8.54 -12.21 18.74
CA LEU B 254 7.35 -12.83 18.18
C LEU B 254 7.01 -14.02 19.03
N ALA B 255 8.06 -14.78 19.36
CA ALA B 255 8.01 -15.95 20.24
C ALA B 255 7.37 -15.57 21.56
N LEU B 256 8.09 -14.76 22.33
CA LEU B 256 7.57 -14.26 23.60
C LEU B 256 6.12 -13.81 23.54
N ASN B 257 5.70 -13.22 22.44
CA ASN B 257 4.41 -12.56 22.43
C ASN B 257 3.31 -13.47 21.95
N ASN B 258 3.70 -14.50 21.20
CA ASN B 258 2.74 -15.52 20.81
C ASN B 258 2.84 -16.79 21.65
N THR B 259 3.35 -16.61 22.88
CA THR B 259 3.46 -17.68 23.86
C THR B 259 2.23 -17.65 24.76
N TYR B 260 1.60 -18.81 24.86
CA TYR B 260 0.38 -18.95 25.63
C TYR B 260 0.62 -18.78 27.15
N SER B 261 -0.23 -17.99 27.79
CA SER B 261 -0.20 -17.78 29.26
C SER B 261 -1.02 -18.86 30.00
N PRO B 262 -0.35 -19.70 30.83
CA PRO B 262 -1.00 -20.61 31.76
C PRO B 262 -2.18 -19.98 32.52
N VAL B 263 -1.95 -18.83 33.16
CA VAL B 263 -2.99 -18.17 33.99
C VAL B 263 -4.18 -17.59 33.19
N LEU B 264 -3.90 -16.64 32.30
CA LEU B 264 -4.93 -16.15 31.38
C LEU B 264 -5.05 -17.15 30.23
N LYS B 265 -6.21 -17.24 29.62
CA LYS B 265 -6.38 -18.18 28.53
C LYS B 265 -5.67 -17.73 27.23
N TYR B 266 -4.88 -16.64 27.28
CA TYR B 266 -4.44 -15.97 26.04
C TYR B 266 -2.96 -15.61 25.94
N THR B 267 -2.49 -15.37 24.71
CA THR B 267 -1.14 -14.83 24.48
C THR B 267 -1.16 -13.30 24.61
N PRO B 268 0.02 -12.70 24.83
CA PRO B 268 0.09 -11.25 24.84
C PRO B 268 -0.42 -10.61 23.53
N HIS B 269 0.00 -11.13 22.39
CA HIS B 269 -0.56 -10.66 21.14
C HIS B 269 -2.08 -10.58 21.23
N GLN B 270 -2.71 -11.66 21.63
CA GLN B 270 -4.17 -11.69 21.69
C GLN B 270 -4.73 -10.61 22.61
N LEU B 271 -4.08 -10.39 23.74
CA LEU B 271 -4.59 -9.40 24.68
C LEU B 271 -4.38 -7.96 24.20
N LEU B 272 -3.34 -7.78 23.40
CA LEU B 272 -2.97 -6.47 22.92
C LEU B 272 -3.92 -6.07 21.80
N PHE B 273 -4.08 -6.97 20.84
CA PHE B 273 -4.74 -6.66 19.62
C PHE B 273 -6.13 -7.20 19.49
N GLY B 274 -6.51 -8.14 20.36
CA GLY B 274 -7.84 -8.77 20.32
C GLY B 274 -8.08 -9.69 19.14
N ILE B 275 -7.02 -10.28 18.63
CA ILE B 275 -7.13 -11.20 17.50
C ILE B 275 -6.08 -12.28 17.63
N ASP B 276 -6.27 -13.37 16.89
CA ASP B 276 -5.25 -14.40 16.76
C ASP B 276 -4.10 -13.84 15.95
N SER B 277 -2.93 -14.43 16.07
CA SER B 277 -1.76 -13.94 15.39
C SER B 277 -1.55 -14.77 14.14
N ASN B 278 -0.83 -14.24 13.17
CA ASN B 278 -0.55 -15.00 11.96
C ASN B 278 0.69 -15.85 12.12
N THR B 279 1.36 -15.69 13.25
CA THR B 279 2.47 -16.57 13.57
C THR B 279 2.25 -17.13 14.97
N PRO B 280 1.46 -18.22 15.09
CA PRO B 280 1.31 -18.83 16.41
C PRO B 280 2.52 -19.72 16.68
N PHE B 281 2.88 -19.88 17.96
CA PHE B 281 3.98 -20.77 18.29
C PHE B 281 3.45 -21.97 19.03
N ALA B 282 2.83 -22.88 18.28
CA ALA B 282 2.21 -24.10 18.80
C ALA B 282 3.26 -24.99 19.50
N ASN B 283 4.47 -25.00 18.94
CA ASN B 283 5.65 -25.61 19.58
C ASN B 283 6.08 -24.85 20.85
N GLN B 284 5.42 -25.13 21.97
CA GLN B 284 5.93 -24.72 23.30
C GLN B 284 7.28 -25.44 23.44
N ASP B 285 8.36 -24.66 23.48
CA ASP B 285 9.73 -25.18 23.29
C ASP B 285 10.38 -25.78 24.57
N THR B 286 11.59 -26.34 24.43
CA THR B 286 12.36 -26.85 25.59
C THR B 286 12.77 -25.72 26.53
N LEU B 287 13.28 -24.63 25.95
CA LEU B 287 13.74 -23.45 26.68
C LEU B 287 14.91 -23.76 27.62
N ASP B 288 15.22 -25.05 27.75
CA ASP B 288 16.35 -25.53 28.54
C ASP B 288 17.54 -25.85 27.65
N LEU B 289 18.73 -25.74 28.23
CA LEU B 289 19.99 -26.04 27.56
C LEU B 289 20.16 -27.55 27.36
N THR B 290 20.23 -28.00 26.10
CA THR B 290 20.52 -29.42 25.78
C THR B 290 21.96 -29.75 26.18
N ARG B 291 22.21 -31.01 26.52
CA ARG B 291 23.50 -31.41 27.10
C ARG B 291 24.72 -31.04 26.22
N GLU B 292 24.50 -30.99 24.90
CA GLU B 292 25.51 -30.49 23.93
C GLU B 292 25.90 -29.02 24.22
N GLU B 293 24.92 -28.22 24.61
CA GLU B 293 25.08 -26.77 24.80
C GLU B 293 25.66 -26.39 26.16
N GLU B 294 25.41 -27.21 27.19
CA GLU B 294 26.01 -27.00 28.51
C GLU B 294 27.54 -27.19 28.46
N LEU B 295 27.97 -28.16 27.66
CA LEU B 295 29.40 -28.46 27.47
C LEU B 295 30.11 -27.45 26.56
N SER B 296 29.35 -26.83 25.65
CA SER B 296 29.87 -25.74 24.81
C SER B 296 29.44 -24.34 25.27
N LEU B 297 28.81 -24.27 26.45
CA LEU B 297 28.59 -23.01 27.16
C LEU B 297 29.59 -22.87 28.31
N LEU B 298 29.95 -24.01 28.93
CA LEU B 298 31.05 -24.07 29.89
C LEU B 298 32.41 -24.00 29.17
N GLN B 299 32.38 -24.09 27.84
CA GLN B 299 33.58 -23.94 26.99
C GLN B 299 33.72 -22.53 26.37
N GLU B 300 32.60 -21.93 25.96
CA GLU B 300 32.58 -20.57 25.38
C GLU B 300 33.08 -19.49 26.36
N ILE B 301 32.54 -19.48 27.58
CA ILE B 301 33.01 -18.61 28.65
C ILE B 301 34.15 -19.27 29.44
N ARG B 302 35.30 -19.43 28.78
CA ARG B 302 36.48 -20.07 29.38
C ARG B 302 37.79 -19.48 28.86
ZN ZN E . -5.04 8.92 -39.40
S SO4 F . 3.71 -0.48 -29.44
O1 SO4 F . 4.47 0.11 -28.34
O2 SO4 F . 4.53 -1.46 -30.13
O3 SO4 F . 2.49 -1.11 -28.97
O4 SO4 F . 3.33 0.53 -30.44
C1 GOL G . 19.52 -0.97 -3.51
O1 GOL G . 20.31 -1.31 -2.39
C2 GOL G . 18.24 -1.83 -3.51
O2 GOL G . 18.51 -2.94 -2.67
C3 GOL G . 17.77 -2.31 -4.90
O3 GOL G . 16.46 -1.88 -5.24
C1 GOL H . 18.84 18.64 10.04
O1 GOL H . 17.60 18.88 9.45
C2 GOL H . 19.74 18.12 8.93
O2 GOL H . 21.09 18.07 9.36
C3 GOL H . 19.70 19.01 7.70
O3 GOL H . 20.45 18.40 6.65
C1 GOL I . -8.23 -13.35 20.90
O1 GOL I . -8.69 -14.24 19.89
C2 GOL I . -9.34 -13.06 21.91
O2 GOL I . -10.36 -12.33 21.31
C3 GOL I . -8.89 -12.25 23.12
O3 GOL I . -9.97 -12.08 24.05
C1 GOL J . -8.27 13.82 -54.75
O1 GOL J . -9.22 12.89 -55.26
C2 GOL J . -8.81 15.22 -54.99
O2 GOL J . -9.09 15.29 -56.36
C3 GOL J . -7.78 16.30 -54.67
O3 GOL J . -8.45 17.55 -54.83
N NH4 K . -13.43 -7.34 -2.02
MG MG L . 5.31 4.29 -4.65
MG MG M . 2.55 6.97 -3.56
CAA ZYN N . 5.95 3.35 -8.97
CAB ZYN N . 7.66 5.15 -8.47
CAC ZYN N . 6.03 7.74 -12.42
CAD ZYN N . 6.48 8.54 -10.01
OAE ZYN N . 4.23 5.98 -11.26
OAF ZYN N . 2.05 8.10 -5.29
OAG ZYN N . 5.57 4.74 -6.24
OAH ZYN N . 3.78 6.28 -4.95
FAI ZYN N . -4.41 8.94 -7.18
CLAJ ZYN N . -3.25 7.67 -5.05
CAK ZYN N . -2.55 10.15 -7.98
CAL ZYN N . -1.20 10.44 -7.81
CAM ZYN N . -1.06 9.01 -5.88
CAN ZYN N . 2.90 8.51 -9.28
CAO ZYN N . 2.33 9.66 -8.51
CAP ZYN N . 0.99 10.23 -6.57
CAQ ZYN N . 4.85 6.78 -10.53
CAR ZYN N . 2.42 8.26 -6.46
CAS ZYN N . -3.12 9.28 -7.09
CAT ZYN N . -0.46 9.86 -6.79
CAU ZYN N . -2.39 8.73 -6.07
CAV ZYN N . 4.04 6.43 -6.29
CAW ZYN N . 3.63 7.51 -8.42
CAX ZYN N . 3.38 7.40 -7.05
CAY ZYN N . 4.58 6.68 -9.02
CAZ ZYN N . 4.99 5.59 -6.91
CBA ZYN N . 6.26 4.86 -9.01
NBB ZYN N . 5.76 7.68 -10.97
NBC ZYN N . 1.89 9.31 -7.18
NBD ZYN N . 5.26 5.71 -8.29
S SO4 O . 1.62 -16.15 33.30
O1 SO4 O . 1.37 -15.99 31.88
O2 SO4 O . 1.32 -17.54 33.66
O3 SO4 O . 3.02 -15.92 33.62
O4 SO4 O . 0.76 -15.21 34.04
MG MG P . 18.19 -3.38 36.16
#